data_6Q8U
#
_entry.id   6Q8U
#
_cell.length_a   57.360
_cell.length_b   60.800
_cell.length_c   119.990
_cell.angle_alpha   90.00
_cell.angle_beta   90.00
_cell.angle_gamma   90.00
#
_symmetry.space_group_name_H-M   'P 21 21 21'
#
loop_
_entity.id
_entity.type
_entity.pdbx_description
1 polymer "RNA (5'-R(*CP*GP*GP*CP*GP*AP*AP*GP*(6MZ)P*AP*CP*CP*GP*GP*GP*GP*AP*GP*CP*CP*G)-3')"
2 polymer '50S ribosomal protein L7Ae'
3 non-polymer 'SODIUM ION'
4 water water
#
loop_
_entity_poly.entity_id
_entity_poly.type
_entity_poly.pdbx_seq_one_letter_code
_entity_poly.pdbx_strand_id
1 'polyribonucleotide' CGGCGAAG(6MZ)ACCGGGGAGCCG A,B
2 'polypeptide(L)'
;GPEASYVRFEVPEDMQNEALSLLEKVRESGKVKKGTNETTKAVERGLAKLVYIAEDVDPPEIVAHLPLLCEEKNVPYIYV
KSKNDLGRAVGIEVPCASAAIINEGELRKELGSLVEKIKGLQK
;
C,D
#
loop_
_chem_comp.id
_chem_comp.type
_chem_comp.name
_chem_comp.formula
6MZ RNA linking N6-METHYLADENOSINE-5'-MONOPHOSPHATE 'C11 H16 N5 O7 P'
A RNA linking ADENOSINE-5'-MONOPHOSPHATE 'C10 H14 N5 O7 P'
C RNA linking CYTIDINE-5'-MONOPHOSPHATE 'C9 H14 N3 O8 P'
G RNA linking GUANOSINE-5'-MONOPHOSPHATE 'C10 H14 N5 O8 P'
NA non-polymer 'SODIUM ION' 'Na 1'
#
# COMPACT_ATOMS: atom_id res chain seq x y z
C2 6MZ A 9 5.89 -12.89 -1.50
C4 6MZ A 9 4.38 -11.82 -2.94
C5 6MZ A 9 5.30 -10.90 -3.27
O1P 6MZ A 9 2.21 -6.49 -4.07
O2P 6MZ A 9 -0.32 -6.54 -4.89
N9 6MZ A 9 3.26 -11.56 -3.61
N3 6MZ A 9 4.67 -12.81 -2.07
N1 6MZ A 9 6.82 -11.94 -1.82
C6 6MZ A 9 6.54 -10.99 -2.69
N6 6MZ A 9 7.61 -10.04 -2.95
C9 6MZ A 9 8.84 -10.06 -2.14
N7 6MZ A 9 4.72 -10.02 -4.15
C8 6MZ A 9 3.45 -10.44 -4.38
O5' 6MZ A 9 0.92 -8.63 -4.18
C5' 6MZ A 9 -0.11 -9.51 -4.57
C4' 6MZ A 9 0.07 -10.87 -3.91
O4' 6MZ A 9 1.12 -11.60 -4.59
C1' 6MZ A 9 1.95 -12.23 -3.64
C2' 6MZ A 9 1.26 -12.15 -2.29
O2' 6MZ A 9 0.38 -13.27 -2.18
C3' 6MZ A 9 0.47 -10.85 -2.43
O3' 6MZ A 9 -0.65 -10.78 -1.57
P 6MZ A 9 1.05 -7.17 -4.83
C2 6MZ B 9 -11.20 4.16 -0.50
C4 6MZ B 9 -10.77 2.29 0.86
C5 6MZ B 9 -10.05 3.06 1.70
O1P 6MZ B 9 -6.39 -0.34 3.20
O2P 6MZ B 9 -6.21 -2.94 3.43
N9 6MZ B 9 -10.76 1.03 1.33
N3 6MZ B 9 -11.34 2.84 -0.24
N1 6MZ B 9 -10.47 4.94 0.36
C6 6MZ B 9 -9.90 4.40 1.43
N6 6MZ B 9 -9.14 5.31 2.29
C9 6MZ B 9 -9.11 6.74 1.93
N7 6MZ B 9 -9.61 2.28 2.72
C8 6MZ B 9 -10.04 1.01 2.49
O5' 6MZ B 9 -8.15 -1.67 2.32
C5' 6MZ B 9 -9.09 -2.71 2.11
C4' 6MZ B 9 -10.13 -2.25 1.12
O4' 6MZ B 9 -11.03 -1.28 1.76
C1' 6MZ B 9 -11.36 -0.25 0.86
C2' 6MZ B 9 -10.80 -0.63 -0.50
O2' 6MZ B 9 -11.78 -1.38 -1.19
C3' 6MZ B 9 -9.60 -1.48 -0.10
O3' 6MZ B 9 -9.13 -2.33 -1.14
P 6MZ B 9 -7.05 -1.68 3.45
N GLY C 1 -11.99 -11.99 33.99
CA GLY C 1 -12.49 -13.18 33.33
C GLY C 1 -12.61 -12.96 31.86
N PRO C 2 -13.85 -12.97 31.34
CA PRO C 2 -14.00 -12.86 29.86
C PRO C 2 -13.40 -11.59 29.32
N GLU C 3 -13.51 -10.47 30.07
CA GLU C 3 -12.94 -9.18 29.64
C GLU C 3 -11.44 -9.32 29.43
N ALA C 4 -10.94 -8.74 28.36
CA ALA C 4 -9.51 -8.86 28.13
C ALA C 4 -8.76 -7.92 29.05
N SER C 5 -7.45 -8.16 29.13
CA SER C 5 -6.59 -7.48 30.09
C SER C 5 -6.61 -5.97 29.88
N TYR C 6 -6.85 -5.52 28.65
CA TYR C 6 -6.68 -4.09 28.39
C TYR C 6 -7.83 -3.26 28.96
N VAL C 7 -8.88 -3.90 29.48
CA VAL C 7 -9.96 -3.14 30.11
C VAL C 7 -9.59 -2.92 31.57
N ARG C 8 -9.19 -1.70 31.91
CA ARG C 8 -8.59 -1.42 33.21
C ARG C 8 -9.55 -0.82 34.23
N PHE C 9 -10.76 -0.44 33.82
CA PHE C 9 -11.76 -0.03 34.80
C PHE C 9 -13.13 -0.26 34.20
N GLU C 10 -14.12 -0.33 35.09
CA GLU C 10 -15.51 -0.51 34.72
C GLU C 10 -16.17 0.84 34.51
N VAL C 11 -16.77 1.04 33.34
CA VAL C 11 -17.48 2.26 33.01
C VAL C 11 -18.99 1.99 33.14
N PRO C 12 -19.70 2.66 34.03
CA PRO C 12 -21.15 2.39 34.15
C PRO C 12 -21.85 2.56 32.81
N GLU C 13 -22.96 1.85 32.66
CA GLU C 13 -23.61 1.80 31.36
C GLU C 13 -24.15 3.16 30.95
N ASP C 14 -24.64 3.94 31.92
CA ASP C 14 -25.17 5.27 31.60
C ASP C 14 -24.05 6.19 31.16
N MET C 15 -22.88 6.07 31.77
CA MET C 15 -21.73 6.84 31.30
C MET C 15 -21.35 6.40 29.89
N GLN C 16 -21.36 5.09 29.61
CA GLN C 16 -21.11 4.64 28.24
C GLN C 16 -22.09 5.27 27.24
N ASN C 17 -23.38 5.30 27.57
CA ASN C 17 -24.38 5.80 26.61
C ASN C 17 -24.24 7.31 26.37
N GLU C 18 -24.03 8.07 27.43
CA GLU C 18 -23.62 9.48 27.27
C GLU C 18 -22.41 9.60 26.37
N ALA C 19 -21.38 8.79 26.59
CA ALA C 19 -20.17 8.97 25.78
C ALA C 19 -20.40 8.64 24.30
N LEU C 20 -21.17 7.57 24.02
CA LEU C 20 -21.47 7.21 22.65
C LEU C 20 -22.30 8.29 22.00
N SER C 21 -23.27 8.84 22.75
CA SER C 21 -24.12 9.90 22.23
C SER C 21 -23.29 11.14 21.90
N LEU C 22 -22.43 11.57 22.84
CA LEU C 22 -21.57 12.73 22.55
C LEU C 22 -20.65 12.47 21.35
N LEU C 23 -20.09 11.26 21.25
CA LEU C 23 -19.25 10.92 20.07
C LEU C 23 -20.05 11.01 18.77
N GLU C 24 -21.30 10.52 18.74
CA GLU C 24 -22.04 10.69 17.52
C GLU C 24 -22.34 12.16 17.27
N LYS C 25 -22.62 12.93 18.35
CA LYS C 25 -23.05 14.31 18.10
C LYS C 25 -21.86 15.18 17.72
N VAL C 26 -20.67 14.84 18.21
CA VAL C 26 -19.50 15.69 17.94
C VAL C 26 -19.14 15.69 16.45
N ARG C 27 -19.50 14.65 15.72
CA ARG C 27 -19.25 14.62 14.29
C ARG C 27 -19.90 15.79 13.57
N GLU C 28 -20.85 16.46 14.20
CA GLU C 28 -21.56 17.50 13.46
C GLU C 28 -20.80 18.82 13.48
N SER C 29 -19.96 19.04 14.49
CA SER C 29 -19.26 20.31 14.66
C SER C 29 -17.78 20.14 14.94
N GLY C 30 -17.32 18.94 15.27
CA GLY C 30 -15.94 18.70 15.64
C GLY C 30 -15.33 17.68 14.71
N LYS C 31 -14.41 16.86 15.19
CA LYS C 31 -13.77 15.93 14.26
C LYS C 31 -13.43 14.68 15.04
N VAL C 32 -13.76 13.50 14.47
CA VAL C 32 -13.40 12.23 15.08
C VAL C 32 -12.50 11.44 14.12
N LYS C 33 -11.57 10.73 14.69
CA LYS C 33 -10.90 9.66 13.97
C LYS C 33 -11.45 8.33 14.45
N LYS C 34 -11.49 7.36 13.55
CA LYS C 34 -12.18 6.11 13.87
C LYS C 34 -11.43 4.93 13.33
N GLY C 35 -11.23 3.95 14.20
CA GLY C 35 -10.40 2.84 13.81
C GLY C 35 -9.05 2.91 14.48
N THR C 36 -8.46 1.75 14.66
CA THR C 36 -7.33 1.68 15.58
C THR C 36 -6.08 2.32 15.01
N ASN C 37 -5.87 2.25 13.69
CA ASN C 37 -4.68 2.87 13.10
C ASN C 37 -4.67 4.38 13.34
N GLU C 38 -5.76 5.05 12.93
CA GLU C 38 -5.90 6.50 13.08
C GLU C 38 -6.05 6.93 14.52
N THR C 39 -6.80 6.17 15.31
CA THR C 39 -6.82 6.46 16.75
C THR C 39 -5.42 6.46 17.31
N THR C 40 -4.65 5.40 17.01
CA THR C 40 -3.29 5.34 17.55
C THR C 40 -2.44 6.54 17.10
N LYS C 41 -2.55 6.92 15.82
CA LYS C 41 -1.73 8.03 15.35
C LYS C 41 -2.19 9.36 15.96
N ALA C 42 -3.50 9.53 16.13
CA ALA C 42 -4.06 10.70 16.79
C ALA C 42 -3.46 10.89 18.15
N VAL C 43 -3.39 9.81 18.95
CA VAL C 43 -2.76 9.93 20.26
C VAL C 43 -1.28 10.20 20.13
N GLU C 44 -0.61 9.40 19.29
CA GLU C 44 0.84 9.56 19.13
C GLU C 44 1.16 10.96 18.65
N ARG C 45 0.34 11.52 17.78
CA ARG C 45 0.63 12.86 17.30
C ARG C 45 0.15 13.98 18.20
N GLY C 46 -0.36 13.70 19.41
CA GLY C 46 -0.79 14.77 20.30
C GLY C 46 -2.15 15.37 19.98
N LEU C 47 -3.03 14.65 19.29
CA LEU C 47 -4.23 15.25 18.75
C LEU C 47 -5.50 14.77 19.44
N ALA C 48 -5.41 13.77 20.29
CA ALA C 48 -6.53 13.10 20.88
C ALA C 48 -7.11 13.92 22.05
N LYS C 49 -8.42 14.20 22.03
CA LYS C 49 -9.09 14.80 23.21
C LYS C 49 -9.77 13.76 24.09
N LEU C 50 -10.21 12.67 23.50
CA LEU C 50 -10.87 11.58 24.21
C LEU C 50 -10.82 10.38 23.29
N VAL C 51 -10.28 9.27 23.81
CA VAL C 51 -10.18 8.02 23.08
C VAL C 51 -11.27 7.05 23.56
N TYR C 52 -11.93 6.37 22.63
CA TYR C 52 -12.93 5.34 22.96
C TYR C 52 -12.34 3.97 22.64
N ILE C 53 -12.47 3.01 23.55
CA ILE C 53 -12.03 1.64 23.29
C ILE C 53 -13.16 0.64 23.54
N ALA C 54 -13.42 -0.23 22.58
CA ALA C 54 -14.47 -1.22 22.77
C ALA C 54 -13.96 -2.32 23.70
N GLU C 55 -14.83 -2.83 24.57
CA GLU C 55 -14.40 -3.87 25.49
C GLU C 55 -14.38 -5.24 24.84
N ASP C 56 -14.97 -5.39 23.64
CA ASP C 56 -15.17 -6.72 23.11
C ASP C 56 -14.25 -6.98 21.94
N VAL C 57 -13.06 -6.40 22.00
CA VAL C 57 -12.13 -6.58 20.91
C VAL C 57 -11.41 -7.91 21.08
N ASP C 58 -11.35 -8.65 20.01
CA ASP C 58 -10.90 -10.03 20.01
C ASP C 58 -10.30 -10.27 18.63
N PRO C 59 -8.98 -10.47 18.52
CA PRO C 59 -8.02 -10.55 19.62
C PRO C 59 -7.75 -9.23 20.33
N PRO C 60 -7.74 -9.25 21.66
CA PRO C 60 -7.47 -8.02 22.41
C PRO C 60 -6.23 -7.31 21.94
N GLU C 61 -5.29 -8.03 21.32
CA GLU C 61 -4.02 -7.44 20.93
C GLU C 61 -4.19 -6.27 19.98
N ILE C 62 -5.38 -6.12 19.38
CA ILE C 62 -5.58 -5.06 18.40
C ILE C 62 -5.54 -3.69 19.06
N VAL C 63 -6.11 -3.57 20.26
CA VAL C 63 -6.21 -2.29 20.98
C VAL C 63 -5.45 -2.27 22.29
N ALA C 64 -4.75 -3.34 22.65
CA ALA C 64 -4.19 -3.47 23.99
C ALA C 64 -3.14 -2.40 24.32
N HIS C 65 -2.51 -1.78 23.32
CA HIS C 65 -1.50 -0.75 23.60
C HIS C 65 -2.14 0.59 23.94
N LEU C 66 -3.42 0.77 23.60
CA LEU C 66 -4.02 2.10 23.67
C LEU C 66 -4.10 2.68 25.06
N PRO C 67 -4.50 1.95 26.11
CA PRO C 67 -4.58 2.60 27.42
C PRO C 67 -3.23 3.08 27.91
N LEU C 68 -2.18 2.27 27.79
CA LEU C 68 -0.87 2.76 28.26
C LEU C 68 -0.39 3.95 27.43
N LEU C 69 -0.62 3.91 26.10
CA LEU C 69 -0.29 5.05 25.24
C LEU C 69 -1.02 6.31 25.68
N CYS C 70 -2.36 6.23 25.85
CA CYS C 70 -3.13 7.38 26.33
C CYS C 70 -2.57 7.90 27.63
N GLU C 71 -2.29 7.00 28.58
CA GLU C 71 -1.81 7.44 29.87
C GLU C 71 -0.49 8.17 29.75
N GLU C 72 0.41 7.66 28.89
CA GLU C 72 1.67 8.36 28.66
C GLU C 72 1.45 9.71 28.01
N LYS C 73 0.51 9.81 27.08
CA LYS C 73 0.33 11.10 26.42
C LYS C 73 -0.67 11.98 27.17
N ASN C 74 -1.15 11.51 28.35
CA ASN C 74 -2.11 12.22 29.19
C ASN C 74 -3.40 12.51 28.43
N VAL C 75 -3.90 11.48 27.77
CA VAL C 75 -5.11 11.57 26.96
C VAL C 75 -6.19 10.74 27.67
N PRO C 76 -7.35 11.29 27.97
CA PRO C 76 -8.36 10.48 28.68
C PRO C 76 -8.96 9.46 27.75
N TYR C 77 -9.35 8.31 28.31
CA TYR C 77 -9.99 7.30 27.47
C TYR C 77 -11.17 6.69 28.21
N ILE C 78 -12.09 6.13 27.45
CA ILE C 78 -13.28 5.51 28.03
C ILE C 78 -13.57 4.24 27.27
N TYR C 79 -14.11 3.25 27.96
CA TYR C 79 -14.47 1.97 27.36
C TYR C 79 -15.96 1.96 27.04
N VAL C 80 -16.32 1.31 25.94
CA VAL C 80 -17.71 1.02 25.58
C VAL C 80 -17.83 -0.48 25.36
N LYS C 81 -18.98 -1.05 25.70
CA LYS C 81 -19.09 -2.49 25.71
C LYS C 81 -18.90 -3.06 24.31
N SER C 82 -19.31 -2.34 23.26
CA SER C 82 -19.52 -3.04 21.99
C SER C 82 -18.87 -2.32 20.82
N LYS C 83 -18.05 -3.05 20.07
CA LYS C 83 -17.48 -2.44 18.87
C LYS C 83 -18.54 -2.21 17.80
N ASN C 84 -19.69 -2.91 17.90
CA ASN C 84 -20.81 -2.61 17.02
C ASN C 84 -21.37 -1.22 17.27
N ASP C 85 -21.80 -0.95 18.53
CA ASP C 85 -22.19 0.42 18.92
C ASP C 85 -21.11 1.46 18.55
N LEU C 86 -19.86 1.14 18.81
CA LEU C 86 -18.80 2.12 18.50
C LEU C 86 -18.80 2.43 17.00
N GLY C 87 -18.93 1.39 16.17
CA GLY C 87 -18.94 1.63 14.74
C GLY C 87 -20.15 2.43 14.33
N ARG C 88 -21.32 2.15 14.94
CA ARG C 88 -22.48 2.95 14.65
C ARG C 88 -22.26 4.38 15.10
N ALA C 89 -21.79 4.55 16.34
CA ALA C 89 -21.60 5.91 16.84
C ALA C 89 -20.73 6.73 15.91
N VAL C 90 -19.67 6.14 15.31
CA VAL C 90 -18.80 6.96 14.47
C VAL C 90 -19.30 7.03 13.04
N GLY C 91 -20.43 6.39 12.72
CA GLY C 91 -21.05 6.53 11.41
C GLY C 91 -20.48 5.66 10.29
N ILE C 92 -19.89 4.52 10.60
CA ILE C 92 -19.38 3.65 9.52
C ILE C 92 -20.19 2.37 9.52
N GLU C 93 -19.92 1.45 8.58
CA GLU C 93 -20.79 0.31 8.33
C GLU C 93 -20.26 -1.00 8.89
N VAL C 94 -19.19 -0.98 9.67
CA VAL C 94 -18.55 -2.18 10.14
C VAL C 94 -18.20 -1.92 11.59
N PRO C 95 -17.84 -2.94 12.36
CA PRO C 95 -17.46 -2.70 13.76
C PRO C 95 -16.22 -1.83 13.87
N CYS C 96 -16.09 -1.23 15.04
CA CYS C 96 -15.02 -0.27 15.24
C CYS C 96 -14.41 -0.49 16.62
N ALA C 97 -13.15 -0.96 16.66
CA ALA C 97 -12.49 -1.29 17.93
C ALA C 97 -12.07 -0.05 18.77
N SER C 98 -11.76 1.07 18.13
CA SER C 98 -11.27 2.21 18.88
C SER C 98 -11.48 3.46 18.04
N ALA C 99 -11.69 4.59 18.72
CA ALA C 99 -11.87 5.88 18.06
C ALA C 99 -11.31 7.00 18.94
N ALA C 100 -11.14 8.18 18.33
CA ALA C 100 -10.64 9.34 19.05
C ALA C 100 -11.42 10.60 18.65
N ILE C 101 -11.88 11.37 19.63
CA ILE C 101 -12.27 12.73 19.32
C ILE C 101 -11.04 13.58 19.28
N ILE C 102 -10.86 14.32 18.19
CA ILE C 102 -9.71 15.19 18.08
C ILE C 102 -10.09 16.65 18.03
N ASN C 103 -11.32 16.99 17.66
CA ASN C 103 -11.76 18.38 17.76
C ASN C 103 -13.14 18.31 18.41
N GLU C 104 -13.31 19.03 19.51
CA GLU C 104 -14.50 18.89 20.35
C GLU C 104 -15.66 19.71 19.84
N GLY C 105 -15.44 20.61 18.89
CA GLY C 105 -16.56 21.30 18.26
C GLY C 105 -17.36 22.09 19.31
N GLU C 106 -18.68 21.93 19.30
CA GLU C 106 -19.54 22.68 20.20
C GLU C 106 -19.79 21.96 21.50
N LEU C 107 -19.11 20.84 21.75
CA LEU C 107 -19.37 19.98 22.90
C LEU C 107 -18.27 20.04 23.94
N ARG C 108 -17.48 21.13 23.96
CA ARG C 108 -16.31 21.16 24.83
C ARG C 108 -16.70 20.89 26.27
N LYS C 109 -17.77 21.52 26.73
CA LYS C 109 -18.19 21.40 28.11
C LYS C 109 -18.76 20.02 28.46
N GLU C 110 -19.58 19.44 27.58
CA GLU C 110 -20.11 18.11 27.85
C GLU C 110 -18.98 17.07 27.88
N LEU C 111 -18.03 17.18 26.96
CA LEU C 111 -16.92 16.25 26.99
C LEU C 111 -16.06 16.47 28.24
N GLY C 112 -15.84 17.75 28.60
CA GLY C 112 -15.19 18.08 29.86
C GLY C 112 -15.85 17.43 31.06
N SER C 113 -17.19 17.52 31.14
CA SER C 113 -17.89 16.89 32.26
C SER C 113 -17.71 15.39 32.22
N LEU C 114 -17.70 14.83 31.02
CA LEU C 114 -17.59 13.38 30.91
C LEU C 114 -16.21 12.92 31.36
N VAL C 115 -15.18 13.66 30.94
CA VAL C 115 -13.80 13.35 31.34
C VAL C 115 -13.64 13.40 32.85
N GLU C 116 -14.29 14.36 33.52
CA GLU C 116 -14.12 14.42 34.97
C GLU C 116 -14.79 13.24 35.67
N LYS C 117 -15.92 12.76 35.14
CA LYS C 117 -16.51 11.54 35.66
C LYS C 117 -15.58 10.33 35.44
N ILE C 118 -15.04 10.21 34.23
CA ILE C 118 -14.09 9.13 33.96
C ILE C 118 -12.97 9.11 35.00
N LYS C 119 -12.39 10.29 35.27
CA LYS C 119 -11.36 10.43 36.30
C LYS C 119 -11.85 9.90 37.64
N GLY C 120 -13.14 10.10 37.93
CA GLY C 120 -13.75 9.72 39.18
C GLY C 120 -13.96 8.22 39.34
N LEU C 121 -13.87 7.46 38.25
CA LEU C 121 -13.82 6.01 38.37
C LEU C 121 -12.47 5.58 38.93
N GLN C 122 -11.39 5.96 38.23
CA GLN C 122 -9.97 5.81 38.55
C GLN C 122 -9.18 5.74 37.24
N GLY D 1 -2.70 0.04 -33.59
CA GLY D 1 -3.78 -0.37 -34.46
C GLY D 1 -3.35 -1.36 -35.54
N PRO D 2 -3.45 -2.68 -35.24
CA PRO D 2 -3.85 -3.27 -33.96
C PRO D 2 -2.84 -3.10 -32.83
N GLU D 3 -1.55 -3.03 -33.16
CA GLU D 3 -0.54 -2.79 -32.13
C GLU D 3 -0.69 -1.39 -31.57
N ALA D 4 -0.53 -1.28 -30.26
CA ALA D 4 -0.68 0.01 -29.59
C ALA D 4 0.46 0.95 -29.99
N SER D 5 0.28 2.24 -29.66
CA SER D 5 1.19 3.29 -30.06
C SER D 5 2.60 3.07 -29.51
N TYR D 6 2.70 2.44 -28.35
CA TYR D 6 4.01 2.26 -27.72
C TYR D 6 4.92 1.31 -28.50
N VAL D 7 4.41 0.60 -29.51
CA VAL D 7 5.33 -0.22 -30.31
C VAL D 7 5.88 0.69 -31.39
N ARG D 8 7.01 1.32 -31.08
CA ARG D 8 7.49 2.42 -31.89
C ARG D 8 8.22 1.94 -33.14
N PHE D 9 8.64 0.67 -33.19
CA PHE D 9 9.31 0.15 -34.38
C PHE D 9 9.10 -1.34 -34.46
N GLU D 10 9.30 -1.88 -35.66
CA GLU D 10 9.13 -3.31 -35.89
C GLU D 10 10.42 -4.06 -35.57
N VAL D 11 10.28 -5.23 -34.96
CA VAL D 11 11.40 -6.10 -34.64
C VAL D 11 11.11 -7.44 -35.32
N PRO D 12 12.08 -8.04 -36.01
CA PRO D 12 11.81 -9.30 -36.71
C PRO D 12 11.78 -10.49 -35.75
N GLU D 13 11.29 -11.61 -36.29
CA GLU D 13 11.08 -12.81 -35.49
C GLU D 13 12.39 -13.49 -35.15
N ASP D 14 13.35 -13.52 -36.07
CA ASP D 14 14.65 -14.07 -35.73
C ASP D 14 15.28 -13.31 -34.57
N MET D 15 15.07 -12.00 -34.54
CA MET D 15 15.68 -11.18 -33.50
C MET D 15 14.95 -11.32 -32.16
N GLN D 16 13.61 -11.25 -32.15
CA GLN D 16 12.85 -11.51 -30.93
C GLN D 16 13.19 -12.88 -30.33
N ASN D 17 13.40 -13.90 -31.17
CA ASN D 17 13.76 -15.20 -30.62
C ASN D 17 15.19 -15.18 -30.09
N GLU D 18 16.11 -14.61 -30.86
CA GLU D 18 17.43 -14.30 -30.33
C GLU D 18 17.33 -13.59 -28.97
N ALA D 19 16.50 -12.55 -28.87
CA ALA D 19 16.40 -11.79 -27.62
C ALA D 19 15.85 -12.64 -26.48
N LEU D 20 14.88 -13.52 -26.77
CA LEU D 20 14.29 -14.33 -25.71
C LEU D 20 15.19 -15.51 -25.32
N SER D 21 15.93 -16.09 -26.27
CA SER D 21 16.87 -17.13 -25.85
C SER D 21 17.95 -16.52 -24.95
N LEU D 22 18.38 -15.29 -25.26
CA LEU D 22 19.41 -14.64 -24.49
C LEU D 22 18.93 -14.33 -23.08
N LEU D 23 17.70 -13.86 -22.99
CA LEU D 23 17.10 -13.52 -21.71
C LEU D 23 17.02 -14.74 -20.81
N GLU D 24 16.61 -15.88 -21.37
CA GLU D 24 16.52 -17.10 -20.58
C GLU D 24 17.89 -17.58 -20.11
N LYS D 25 18.93 -17.36 -20.90
CA LYS D 25 20.28 -17.72 -20.47
C LYS D 25 20.86 -16.75 -19.45
N VAL D 26 20.65 -15.45 -19.63
CA VAL D 26 21.22 -14.48 -18.69
C VAL D 26 20.73 -14.72 -17.27
N ARG D 27 19.66 -15.50 -17.07
CA ARG D 27 19.13 -15.69 -15.73
C ARG D 27 20.09 -16.48 -14.85
N GLU D 28 20.57 -17.61 -15.32
CA GLU D 28 21.50 -18.35 -14.48
C GLU D 28 22.93 -17.82 -14.58
N SER D 29 23.17 -16.78 -15.38
CA SER D 29 24.50 -16.19 -15.48
C SER D 29 24.58 -14.82 -14.82
N GLY D 30 23.54 -14.01 -14.93
CA GLY D 30 23.58 -12.67 -14.39
C GLY D 30 22.33 -12.33 -13.62
N LYS D 31 21.74 -11.17 -13.91
CA LYS D 31 20.57 -10.73 -13.18
C LYS D 31 19.53 -10.13 -14.10
N VAL D 32 18.26 -10.50 -13.87
CA VAL D 32 17.12 -9.99 -14.63
C VAL D 32 16.08 -9.47 -13.65
N LYS D 33 15.49 -8.31 -13.99
CA LYS D 33 14.30 -7.79 -13.32
C LYS D 33 13.08 -8.08 -14.18
N LYS D 34 11.98 -8.53 -13.55
CA LYS D 34 10.83 -9.06 -14.29
C LYS D 34 9.55 -8.37 -13.79
N GLY D 35 8.74 -7.88 -14.70
CA GLY D 35 7.64 -7.02 -14.34
C GLY D 35 7.91 -5.55 -14.63
N THR D 36 6.82 -4.85 -14.89
CA THR D 36 6.93 -3.45 -15.27
C THR D 36 7.43 -2.58 -14.13
N ASN D 37 7.05 -2.89 -12.87
CA ASN D 37 7.49 -2.07 -11.75
C ASN D 37 9.02 -2.10 -11.63
N GLU D 38 9.59 -3.30 -11.58
CA GLU D 38 11.03 -3.47 -11.48
C GLU D 38 11.76 -3.00 -12.73
N THR D 39 11.20 -3.20 -13.91
CA THR D 39 11.86 -2.75 -15.12
C THR D 39 11.95 -1.23 -15.17
N THR D 40 10.83 -0.53 -14.93
CA THR D 40 10.89 0.93 -14.87
C THR D 40 11.94 1.41 -13.88
N LYS D 41 11.96 0.83 -12.66
CA LYS D 41 12.90 1.29 -11.65
C LYS D 41 14.36 1.10 -12.11
N ALA D 42 14.64 -0.05 -12.74
CA ALA D 42 15.99 -0.30 -13.25
C ALA D 42 16.41 0.75 -14.26
N VAL D 43 15.53 1.06 -15.23
CA VAL D 43 15.80 2.16 -16.16
C VAL D 43 16.02 3.46 -15.39
N GLU D 44 15.08 3.83 -14.51
CA GLU D 44 15.22 5.08 -13.74
C GLU D 44 16.48 5.07 -12.90
N ARG D 45 16.84 3.90 -12.37
CA ARG D 45 18.03 3.87 -11.51
C ARG D 45 19.32 3.78 -12.30
N GLY D 46 19.26 3.73 -13.63
CA GLY D 46 20.46 3.64 -14.44
C GLY D 46 21.06 2.25 -14.52
N LEU D 47 20.35 1.23 -14.04
CA LEU D 47 20.88 -0.13 -14.01
C LEU D 47 20.53 -0.99 -15.22
N ALA D 48 19.64 -0.55 -16.12
CA ALA D 48 19.19 -1.44 -17.19
C ALA D 48 20.16 -1.46 -18.37
N LYS D 49 20.58 -2.67 -18.79
CA LYS D 49 21.37 -2.86 -20.02
C LYS D 49 20.52 -3.19 -21.24
N LEU D 50 19.45 -3.97 -21.08
CA LEU D 50 18.50 -4.21 -22.16
C LEU D 50 17.12 -4.43 -21.56
N VAL D 51 16.13 -3.66 -22.01
CA VAL D 51 14.78 -3.88 -21.54
C VAL D 51 13.96 -4.50 -22.67
N TYR D 52 13.02 -5.36 -22.26
CA TYR D 52 12.10 -6.13 -23.09
C TYR D 52 10.69 -5.59 -22.91
N ILE D 53 10.00 -5.31 -24.01
CA ILE D 53 8.63 -4.84 -23.91
C ILE D 53 7.77 -5.76 -24.74
N ALA D 54 6.78 -6.38 -24.13
CA ALA D 54 5.89 -7.17 -24.97
C ALA D 54 5.00 -6.24 -25.79
N GLU D 55 4.65 -6.70 -27.00
CA GLU D 55 3.83 -5.94 -27.95
C GLU D 55 2.35 -6.15 -27.76
N ASP D 56 1.96 -7.09 -26.92
CA ASP D 56 0.55 -7.45 -26.74
C ASP D 56 0.06 -7.03 -25.35
N VAL D 57 0.58 -5.93 -24.80
CA VAL D 57 0.17 -5.49 -23.46
C VAL D 57 -1.12 -4.68 -23.58
N ASP D 58 -2.17 -5.16 -22.93
CA ASP D 58 -3.49 -4.53 -22.99
C ASP D 58 -3.96 -4.42 -21.55
N PRO D 59 -4.15 -3.20 -20.99
CA PRO D 59 -4.03 -1.91 -21.67
C PRO D 59 -2.60 -1.46 -21.92
N PRO D 60 -2.40 -0.80 -23.05
CA PRO D 60 -1.05 -0.28 -23.37
C PRO D 60 -0.46 0.65 -22.32
N GLU D 61 -1.28 1.38 -21.56
CA GLU D 61 -0.76 2.33 -20.59
C GLU D 61 0.14 1.67 -19.56
N ILE D 62 0.06 0.35 -19.42
CA ILE D 62 0.90 -0.37 -18.48
C ILE D 62 2.39 -0.12 -18.78
N VAL D 63 2.76 -0.08 -20.07
CA VAL D 63 4.15 0.00 -20.52
C VAL D 63 4.43 1.17 -21.45
N ALA D 64 3.39 1.92 -21.87
CA ALA D 64 3.59 2.96 -22.89
C ALA D 64 4.69 3.96 -22.53
N HIS D 65 4.89 4.23 -21.24
CA HIS D 65 5.92 5.14 -20.77
C HIS D 65 7.32 4.59 -20.98
N LEU D 66 7.48 3.28 -21.11
CA LEU D 66 8.83 2.70 -21.13
C LEU D 66 9.69 3.17 -22.30
N PRO D 67 9.22 3.22 -23.54
CA PRO D 67 10.15 3.57 -24.63
C PRO D 67 10.77 4.97 -24.50
N LEU D 68 9.97 5.99 -24.20
CA LEU D 68 10.53 7.32 -24.07
C LEU D 68 11.42 7.42 -22.84
N LEU D 69 11.09 6.67 -21.78
CA LEU D 69 12.00 6.60 -20.63
C LEU D 69 13.34 5.99 -21.02
N CYS D 70 13.32 4.82 -21.65
CA CYS D 70 14.55 4.19 -22.15
C CYS D 70 15.36 5.15 -23.00
N GLU D 71 14.71 5.84 -23.93
CA GLU D 71 15.45 6.81 -24.73
C GLU D 71 16.03 7.91 -23.85
N GLU D 72 15.21 8.52 -22.97
CA GLU D 72 15.72 9.54 -22.06
C GLU D 72 16.94 9.03 -21.30
N LYS D 73 16.92 7.76 -20.88
CA LYS D 73 18.00 7.20 -20.06
C LYS D 73 19.07 6.43 -20.87
N ASN D 74 19.05 6.55 -22.21
CA ASN D 74 20.05 5.96 -23.11
C ASN D 74 20.08 4.44 -23.08
N VAL D 75 18.94 3.82 -22.82
CA VAL D 75 18.85 2.39 -22.57
C VAL D 75 18.19 1.75 -23.79
N PRO D 76 18.84 0.79 -24.42
CA PRO D 76 18.21 0.12 -25.55
C PRO D 76 17.07 -0.75 -25.09
N TYR D 77 16.10 -0.89 -25.97
CA TYR D 77 14.94 -1.71 -25.65
C TYR D 77 14.55 -2.49 -26.90
N ILE D 78 13.93 -3.64 -26.69
CA ILE D 78 13.50 -4.51 -27.79
C ILE D 78 12.07 -4.95 -27.52
N TYR D 79 11.27 -5.05 -28.58
CA TYR D 79 9.92 -5.59 -28.46
C TYR D 79 9.93 -7.08 -28.75
N VAL D 80 9.18 -7.85 -27.96
CA VAL D 80 8.87 -9.23 -28.26
C VAL D 80 7.35 -9.39 -28.41
N LYS D 81 6.96 -10.36 -29.23
CA LYS D 81 5.56 -10.47 -29.61
C LYS D 81 4.67 -10.79 -28.41
N SER D 82 5.08 -11.71 -27.53
CA SER D 82 4.12 -12.23 -26.57
C SER D 82 4.57 -12.08 -25.13
N LYS D 83 3.68 -11.54 -24.30
CA LYS D 83 3.92 -11.48 -22.85
C LYS D 83 3.92 -12.86 -22.20
N ASN D 84 3.32 -13.86 -22.84
CA ASN D 84 3.45 -15.22 -22.35
C ASN D 84 4.85 -15.75 -22.60
N ASP D 85 5.35 -15.56 -23.84
CA ASP D 85 6.75 -15.83 -24.15
C ASP D 85 7.67 -15.13 -23.16
N LEU D 86 7.42 -13.82 -22.94
CA LEU D 86 8.27 -13.03 -22.07
C LEU D 86 8.24 -13.57 -20.65
N GLY D 87 7.06 -13.97 -20.19
CA GLY D 87 6.96 -14.57 -18.86
C GLY D 87 7.73 -15.88 -18.79
N ARG D 88 7.49 -16.78 -19.74
CA ARG D 88 8.20 -18.06 -19.76
C ARG D 88 9.72 -17.88 -19.75
N ALA D 89 10.20 -16.82 -20.39
CA ALA D 89 11.62 -16.62 -20.54
C ALA D 89 12.25 -16.06 -19.28
N VAL D 90 11.49 -15.32 -18.46
CA VAL D 90 12.07 -14.89 -17.21
C VAL D 90 11.75 -15.90 -16.11
N GLY D 91 11.13 -17.01 -16.47
CA GLY D 91 10.93 -18.09 -15.51
C GLY D 91 9.87 -17.84 -14.47
N ILE D 92 8.83 -17.09 -14.80
CA ILE D 92 7.71 -16.90 -13.86
C ILE D 92 6.47 -17.59 -14.42
N GLU D 93 5.41 -17.63 -13.61
CA GLU D 93 4.28 -18.51 -13.90
C GLU D 93 3.12 -17.77 -14.52
N VAL D 94 3.26 -16.47 -14.79
CA VAL D 94 2.18 -15.62 -15.28
C VAL D 94 2.75 -14.81 -16.44
N PRO D 95 1.91 -14.13 -17.22
CA PRO D 95 2.41 -13.26 -18.29
C PRO D 95 3.30 -12.15 -17.75
N CYS D 96 4.15 -11.61 -18.62
CA CYS D 96 5.06 -10.54 -18.19
C CYS D 96 5.08 -9.44 -19.24
N ALA D 97 4.69 -8.23 -18.83
CA ALA D 97 4.59 -7.09 -19.77
C ALA D 97 5.98 -6.57 -20.17
N SER D 98 6.94 -6.60 -19.26
CA SER D 98 8.25 -6.07 -19.61
C SER D 98 9.26 -6.61 -18.61
N ALA D 99 10.54 -6.57 -19.04
CA ALA D 99 11.64 -7.09 -18.25
C ALA D 99 12.91 -6.32 -18.62
N ALA D 100 13.96 -6.52 -17.82
CA ALA D 100 15.22 -5.86 -18.09
C ALA D 100 16.39 -6.73 -17.62
N ILE D 101 17.46 -6.78 -18.43
CA ILE D 101 18.73 -7.35 -17.99
C ILE D 101 19.47 -6.30 -17.18
N ILE D 102 19.98 -6.68 -16.02
CA ILE D 102 20.71 -5.77 -15.16
C ILE D 102 22.17 -6.14 -15.10
N ASN D 103 22.48 -7.41 -15.19
CA ASN D 103 23.85 -7.76 -15.53
C ASN D 103 23.86 -8.89 -16.53
N GLU D 104 24.79 -8.78 -17.49
CA GLU D 104 24.93 -9.71 -18.60
C GLU D 104 25.58 -11.02 -18.19
N GLY D 105 26.11 -11.11 -16.97
CA GLY D 105 26.75 -12.33 -16.51
C GLY D 105 27.93 -12.69 -17.37
N GLU D 106 27.84 -13.79 -18.11
CA GLU D 106 28.88 -14.20 -19.05
C GLU D 106 28.35 -14.21 -20.48
N LEU D 107 27.42 -13.32 -20.79
CA LEU D 107 26.92 -13.27 -22.15
C LEU D 107 27.01 -11.87 -22.72
N ARG D 108 28.14 -11.19 -22.47
CA ARG D 108 28.30 -9.81 -22.91
C ARG D 108 28.39 -9.70 -24.43
N LYS D 109 28.96 -10.70 -25.12
CA LYS D 109 29.06 -10.65 -26.58
C LYS D 109 27.69 -10.76 -27.24
N GLU D 110 26.91 -11.76 -26.87
CA GLU D 110 25.59 -11.93 -27.49
C GLU D 110 24.69 -10.72 -27.24
N LEU D 111 24.83 -10.07 -26.07
CA LEU D 111 24.07 -8.86 -25.80
C LEU D 111 24.47 -7.72 -26.73
N GLY D 112 25.78 -7.45 -26.82
CA GLY D 112 26.25 -6.39 -27.69
C GLY D 112 25.79 -6.54 -29.12
N SER D 113 25.93 -7.74 -29.68
CA SER D 113 25.56 -7.90 -31.09
C SER D 113 24.06 -7.68 -31.28
N LEU D 114 23.25 -8.14 -30.32
CA LEU D 114 21.83 -7.87 -30.42
C LEU D 114 21.56 -6.37 -30.33
N VAL D 115 22.19 -5.67 -29.38
CA VAL D 115 22.00 -4.23 -29.26
C VAL D 115 22.35 -3.53 -30.58
N GLU D 116 23.42 -3.95 -31.24
CA GLU D 116 23.71 -3.31 -32.51
C GLU D 116 22.65 -3.66 -33.55
N LYS D 117 22.14 -4.88 -33.53
CA LYS D 117 20.99 -5.21 -34.38
C LYS D 117 19.82 -4.24 -34.12
N ILE D 118 19.51 -4.00 -32.84
CA ILE D 118 18.40 -3.09 -32.49
C ILE D 118 18.65 -1.70 -33.06
N LYS D 119 19.83 -1.14 -32.76
CA LYS D 119 20.24 0.14 -33.32
C LYS D 119 20.06 0.20 -34.83
N GLY D 120 20.22 -0.94 -35.52
CA GLY D 120 20.16 -0.94 -36.97
C GLY D 120 18.77 -0.68 -37.52
N LEU D 121 17.73 -1.03 -36.77
CA LEU D 121 16.34 -0.87 -37.21
C LEU D 121 15.86 0.59 -37.09
N GLN D 122 14.53 0.77 -37.05
CA GLN D 122 13.86 2.08 -37.10
C GLN D 122 14.07 2.78 -38.43
NA NA E . 0.66 -11.28 -15.33
NA NA F . -1.21 3.43 7.80
NA NA G . 0.73 -9.06 -17.26
NA NA H . 4.19 -0.91 -4.60
NA NA I . 6.73 -1.00 -6.00
NA NA J . -19.90 23.28 25.35
NA NA K . -3.63 5.58 9.62
NA NA L . -10.90 20.96 20.53
NA NA M . 12.39 -9.35 -10.75
NA NA N . 17.47 -13.51 -12.35
#